data_8W5V
#
_entry.id   8W5V
#
_cell.length_a   1.00
_cell.length_b   1.00
_cell.length_c   1.00
_cell.angle_alpha   90.00
_cell.angle_beta   90.00
_cell.angle_gamma   90.00
#
_symmetry.space_group_name_H-M   'P 1'
#
loop_
_entity.id
_entity.type
_entity.pdbx_description
1 polymer 'Light chain of Ab40'
2 polymer 'Heavy chain of Ab40'
3 polymer 'Minor capsid protein A1'
#
loop_
_entity_poly.entity_id
_entity_poly.type
_entity_poly.pdbx_seq_one_letter_code
_entity_poly.pdbx_strand_id
1 'polypeptide(L)'
;VHSDIVMSQSPSSLAVSIGEKVTLTCKSSQSLLFSSNQKNYLAWYQQNPGQSPKLLIYWASTRESGVPDRFTGSGSGTDF
TLTISSVKAEDLAIYYCQQYFRYPAFGGGTKLEIK
;
L
2 'polypeptide(L)'
;VHSEVQLQQSGPELVKSGTSVKLSCKASGYSFTDHSLHWVKQSHGESLEWIGYFSPNNGGTIYNQKFMGKATLTVDRSSS
TAYMDLHNLTSADSAVYFCSTGWDYGPFDSWGQGTTLTVSS
;
H
3 'polypeptide(L)'
;MAKLETVTLGKIGKDGKQTLVLNPRGVNPTNGVASLSQAGAVPALEKRVTVSVSQPSRNRKNYKVQVKIQNPTACTANGS
CDPSVTRQAYADVTFSFTQYSTDEERAFVRTELAALLASPLLIDAIDQLNPAY
;
C,c
#
# COMPACT_ATOMS: atom_id res chain seq x y z
N ILE A 5 -1.37 4.14 23.05
CA ILE A 5 -0.83 2.83 22.72
C ILE A 5 0.63 2.74 23.15
N VAL A 6 0.87 2.08 24.27
CA VAL A 6 2.22 1.92 24.79
C VAL A 6 2.95 0.85 23.96
N MET A 7 4.20 1.13 23.62
CA MET A 7 5.01 0.24 22.78
C MET A 7 6.22 -0.19 23.60
N SER A 8 6.06 -1.26 24.37
CA SER A 8 7.15 -1.77 25.19
C SER A 8 8.21 -2.43 24.32
N GLN A 9 9.45 -2.46 24.81
CA GLN A 9 10.57 -2.97 24.05
C GLN A 9 11.51 -3.76 24.96
N SER A 10 12.64 -4.16 24.39
CA SER A 10 13.68 -4.85 25.12
C SER A 10 14.32 -3.91 26.14
N PRO A 11 15.01 -4.46 27.16
CA PRO A 11 15.74 -3.61 28.12
C PRO A 11 16.66 -2.59 27.46
N SER A 12 17.11 -1.61 28.24
CA SER A 12 17.70 -0.40 27.69
C SER A 12 18.96 -0.68 26.88
N SER A 13 19.83 -1.56 27.37
CA SER A 13 21.15 -1.73 26.78
C SER A 13 21.48 -3.21 26.61
N LEU A 14 22.38 -3.47 25.65
CA LEU A 14 22.98 -4.77 25.44
C LEU A 14 24.51 -4.58 25.37
N ALA A 15 25.23 -5.69 25.22
CA ALA A 15 26.69 -5.64 25.22
C ALA A 15 27.30 -6.52 24.15
N VAL A 16 26.62 -6.68 23.01
CA VAL A 16 27.17 -7.46 21.91
C VAL A 16 28.32 -6.70 21.27
N SER A 17 29.41 -7.41 20.98
CA SER A 17 30.64 -6.79 20.49
C SER A 17 30.86 -7.01 19.00
N ILE A 18 30.92 -8.26 18.55
CA ILE A 18 31.23 -8.55 17.15
C ILE A 18 30.81 -9.99 16.85
N GLY A 19 30.35 -10.21 15.62
CA GLY A 19 30.05 -11.55 15.16
C GLY A 19 28.77 -12.16 15.69
N GLU A 20 28.29 -11.67 16.83
CA GLU A 20 27.13 -12.26 17.49
C GLU A 20 25.85 -11.99 16.69
N LYS A 21 24.98 -12.99 16.64
CA LYS A 21 23.69 -12.87 15.96
C LYS A 21 22.67 -12.27 16.92
N VAL A 22 22.88 -11.00 17.24
CA VAL A 22 22.03 -10.29 18.19
C VAL A 22 20.67 -10.02 17.54
N THR A 23 19.61 -10.16 18.34
CA THR A 23 18.25 -9.90 17.90
C THR A 23 17.57 -8.97 18.89
N LEU A 24 16.71 -8.10 18.37
CA LEU A 24 15.96 -7.14 19.16
C LEU A 24 14.48 -7.48 19.09
N THR A 25 13.83 -7.55 20.25
CA THR A 25 12.43 -7.93 20.35
C THR A 25 11.59 -6.74 20.82
N CYS A 26 10.32 -6.77 20.47
CA CYS A 26 9.38 -5.72 20.83
C CYS A 26 7.99 -6.31 21.04
N LYS A 27 7.20 -5.63 21.86
CA LYS A 27 5.84 -6.07 22.16
C LYS A 27 4.89 -4.88 22.06
N SER A 28 3.67 -5.15 21.62
CA SER A 28 2.65 -4.13 21.46
C SER A 28 1.47 -4.40 22.39
N SER A 29 0.80 -3.32 22.78
CA SER A 29 -0.34 -3.39 23.69
C SER A 29 -1.66 -3.67 22.97
N GLN A 30 -1.65 -3.72 21.64
CA GLN A 30 -2.87 -3.92 20.87
C GLN A 30 -2.49 -4.42 19.49
N SER A 31 -3.31 -5.32 18.95
CA SER A 31 -2.99 -5.96 17.69
C SER A 31 -2.89 -4.93 16.57
N LEU A 32 -1.86 -5.08 15.73
CA LEU A 32 -1.54 -4.09 14.70
C LEU A 32 -1.99 -4.52 13.32
N LEU A 33 -2.97 -5.43 13.24
CA LEU A 33 -3.54 -5.82 11.95
C LEU A 33 -4.67 -4.86 11.56
N PHE A 34 -4.30 -3.59 11.43
CA PHE A 34 -5.29 -2.55 11.13
C PHE A 34 -5.85 -2.70 9.72
N SER A 35 -4.99 -2.96 8.74
CA SER A 35 -5.42 -3.00 7.36
C SER A 35 -6.36 -4.18 7.11
N SER A 36 -7.23 -4.03 6.12
CA SER A 36 -8.15 -5.11 5.77
C SER A 36 -7.40 -6.35 5.34
N ASN A 37 -6.48 -6.20 4.38
CA ASN A 37 -5.53 -7.27 4.10
C ASN A 37 -4.49 -7.33 5.21
N GLN A 38 -3.91 -8.51 5.39
CA GLN A 38 -3.06 -8.78 6.55
C GLN A 38 -1.70 -8.10 6.37
N LYS A 39 -1.65 -6.83 6.73
CA LYS A 39 -0.44 -6.02 6.65
C LYS A 39 -0.20 -5.33 7.98
N ASN A 40 1.03 -5.43 8.49
CA ASN A 40 1.39 -4.79 9.74
C ASN A 40 1.84 -3.34 9.50
N TYR A 41 1.86 -2.55 10.57
CA TYR A 41 2.20 -1.13 10.51
C TYR A 41 3.30 -0.78 11.51
N LEU A 42 4.42 -1.50 11.45
CA LEU A 42 5.59 -1.12 12.23
C LEU A 42 6.71 -0.64 11.32
N ALA A 43 7.67 0.04 11.94
CA ALA A 43 8.86 0.54 11.25
C ALA A 43 9.98 0.65 12.26
N TRP A 44 11.20 0.33 11.83
CA TRP A 44 12.37 0.34 12.69
C TRP A 44 13.29 1.49 12.27
N TYR A 45 13.69 2.30 13.24
CA TYR A 45 14.62 3.40 13.02
C TYR A 45 15.88 3.20 13.84
N GLN A 46 17.01 3.62 13.28
CA GLN A 46 18.28 3.68 13.99
C GLN A 46 18.80 5.10 13.96
N GLN A 47 19.33 5.56 15.09
CA GLN A 47 19.77 6.94 15.25
C GLN A 47 21.19 6.96 15.80
N ASN A 48 22.13 7.42 14.98
CA ASN A 48 23.47 7.67 15.48
C ASN A 48 23.44 8.79 16.52
N PRO A 49 24.38 8.81 17.45
CA PRO A 49 24.33 9.82 18.52
C PRO A 49 24.47 11.26 18.02
N GLY A 50 24.94 11.47 16.80
CA GLY A 50 25.19 12.81 16.31
C GLY A 50 24.03 13.47 15.60
N GLN A 51 23.49 12.82 14.56
CA GLN A 51 22.53 13.45 13.67
C GLN A 51 21.19 12.73 13.72
N SER A 52 20.29 13.14 12.82
CA SER A 52 18.93 12.62 12.80
C SER A 52 18.92 11.14 12.40
N PRO A 53 17.91 10.39 12.84
CA PRO A 53 17.86 8.97 12.53
C PRO A 53 17.46 8.70 11.08
N LYS A 54 17.55 7.42 10.71
CA LYS A 54 17.21 6.95 9.38
C LYS A 54 16.14 5.86 9.49
N LEU A 55 15.52 5.57 8.35
CA LEU A 55 14.53 4.50 8.27
C LEU A 55 15.18 3.24 7.71
N LEU A 56 14.87 2.11 8.33
CA LEU A 56 15.48 0.84 7.95
C LEU A 56 14.47 -0.14 7.35
N ILE A 57 13.39 -0.45 8.07
CA ILE A 57 12.41 -1.45 7.64
C ILE A 57 11.02 -0.88 7.88
N TYR A 58 10.14 -1.03 6.88
CA TYR A 58 8.74 -0.69 7.04
C TYR A 58 7.88 -1.89 6.64
N TRP A 59 6.62 -1.86 7.05
CA TRP A 59 5.69 -2.98 6.99
C TRP A 59 6.16 -4.18 7.81
N ALA A 60 7.20 -3.99 8.63
CA ALA A 60 7.79 -4.97 9.53
C ALA A 60 8.52 -6.10 8.82
N SER A 61 8.47 -6.17 7.48
CA SER A 61 9.20 -7.20 6.75
C SER A 61 9.83 -6.73 5.45
N THR A 62 9.73 -5.43 5.12
CA THR A 62 10.23 -4.92 3.84
C THR A 62 11.41 -4.00 4.11
N ARG A 63 12.55 -4.31 3.48
CA ARG A 63 13.73 -3.49 3.61
C ARG A 63 13.64 -2.24 2.75
N GLU A 64 14.15 -1.13 3.28
CA GLU A 64 14.14 0.13 2.57
C GLU A 64 15.31 0.19 1.60
N SER A 65 15.11 0.92 0.49
CA SER A 65 16.14 1.03 -0.53
C SER A 65 17.38 1.70 0.02
N GLY A 66 18.55 1.12 -0.30
CA GLY A 66 19.80 1.65 0.20
C GLY A 66 20.23 1.11 1.54
N VAL A 67 19.79 -0.09 1.89
CA VAL A 67 20.12 -0.71 3.18
C VAL A 67 20.82 -2.04 2.92
N PRO A 68 21.92 -2.34 3.61
CA PRO A 68 22.59 -3.63 3.40
C PRO A 68 21.70 -4.80 3.78
N ASP A 69 21.92 -5.93 3.12
CA ASP A 69 21.08 -7.11 3.29
C ASP A 69 21.25 -7.77 4.66
N ARG A 70 22.24 -7.36 5.44
CA ARG A 70 22.46 -7.98 6.74
C ARG A 70 21.29 -7.79 7.70
N PHE A 71 20.45 -6.79 7.46
CA PHE A 71 19.28 -6.55 8.29
C PHE A 71 18.11 -7.39 7.80
N THR A 72 17.33 -7.91 8.74
CA THR A 72 16.17 -8.74 8.43
C THR A 72 15.11 -8.57 9.51
N GLY A 73 13.87 -8.42 9.10
CA GLY A 73 12.79 -8.25 10.05
C GLY A 73 11.69 -9.26 9.81
N SER A 74 11.13 -9.75 10.91
CA SER A 74 9.99 -10.66 10.89
C SER A 74 8.96 -10.20 11.89
N GLY A 75 7.70 -10.44 11.59
CA GLY A 75 6.61 -9.91 12.39
C GLY A 75 5.51 -10.93 12.59
N SER A 76 4.71 -10.70 13.63
CA SER A 76 3.54 -11.53 13.93
C SER A 76 2.37 -10.63 14.29
N GLY A 77 1.31 -11.21 14.86
CA GLY A 77 0.15 -10.41 15.20
C GLY A 77 0.45 -9.35 16.24
N THR A 78 1.16 -9.72 17.31
CA THR A 78 1.45 -8.78 18.38
C THR A 78 2.85 -8.89 18.97
N ASP A 79 3.72 -9.75 18.42
CA ASP A 79 5.06 -9.93 18.96
C ASP A 79 6.04 -9.86 17.78
N PHE A 80 6.75 -8.74 17.69
CA PHE A 80 7.66 -8.49 16.59
C PHE A 80 9.12 -8.56 17.06
N THR A 81 10.02 -8.79 16.10
CA THR A 81 11.43 -8.92 16.39
C THR A 81 12.25 -8.40 15.22
N LEU A 82 13.51 -8.07 15.50
CA LEU A 82 14.45 -7.58 14.49
C LEU A 82 15.77 -8.31 14.68
N THR A 83 16.19 -9.05 13.67
CA THR A 83 17.41 -9.83 13.72
C THR A 83 18.38 -9.35 12.64
N ILE A 84 19.64 -9.20 13.01
CA ILE A 84 20.69 -8.76 12.09
C ILE A 84 21.69 -9.89 11.92
N SER A 85 22.06 -10.16 10.66
CA SER A 85 22.98 -11.25 10.34
C SER A 85 24.39 -10.82 10.75
N SER A 86 24.66 -10.96 12.06
CA SER A 86 25.90 -10.54 12.70
C SER A 86 26.07 -9.02 12.64
N VAL A 87 26.84 -8.47 13.57
CA VAL A 87 27.03 -7.03 13.68
C VAL A 87 28.36 -6.65 13.02
N LYS A 88 28.32 -5.62 12.18
CA LYS A 88 29.49 -5.13 11.48
C LYS A 88 30.16 -4.01 12.28
N ALA A 89 31.08 -3.29 11.63
CA ALA A 89 31.83 -2.25 12.32
C ALA A 89 30.92 -1.11 12.76
N GLU A 90 30.08 -0.60 11.85
CA GLU A 90 29.19 0.52 12.13
C GLU A 90 27.74 0.01 12.12
N ASP A 91 27.33 -0.57 13.25
CA ASP A 91 25.94 -0.95 13.46
C ASP A 91 25.52 -0.65 14.90
N LEU A 92 26.11 0.38 15.50
CA LEU A 92 25.90 0.72 16.89
C LEU A 92 24.72 1.67 17.02
N ALA A 93 24.59 2.32 18.19
CA ALA A 93 23.63 3.41 18.45
C ALA A 93 22.23 2.89 18.68
N ILE A 94 21.31 3.80 19.02
CA ILE A 94 19.99 3.44 19.52
C ILE A 94 19.09 3.01 18.37
N TYR A 95 18.28 2.00 18.61
CA TYR A 95 17.29 1.51 17.65
C TYR A 95 15.90 1.75 18.21
N TYR A 96 15.04 2.36 17.39
CA TYR A 96 13.67 2.69 17.80
C TYR A 96 12.67 1.89 16.99
N CYS A 97 11.45 1.80 17.53
CA CYS A 97 10.33 1.16 16.87
C CYS A 97 9.12 2.09 16.94
N GLN A 98 8.31 2.07 15.89
CA GLN A 98 7.19 3.00 15.78
C GLN A 98 6.04 2.33 15.06
N GLN A 99 4.81 2.67 15.48
CA GLN A 99 3.60 2.34 14.75
C GLN A 99 3.00 3.63 14.19
N TYR A 100 2.52 3.59 12.95
CA TYR A 100 2.16 4.79 12.22
C TYR A 100 0.74 4.71 11.68
N PHE A 101 -0.20 4.32 12.55
CA PHE A 101 -1.62 4.39 12.23
C PHE A 101 -2.33 5.17 13.32
N ARG A 102 -3.33 5.95 12.92
CA ARG A 102 -4.06 6.83 13.84
C ARG A 102 -3.10 7.79 14.55
N TYR A 103 -2.68 7.42 15.75
CA TYR A 103 -1.77 8.25 16.53
C TYR A 103 -0.41 7.57 16.65
N PRO A 104 0.61 8.05 15.95
CA PRO A 104 1.94 7.44 16.06
C PRO A 104 2.50 7.59 17.46
N ALA A 105 3.29 6.60 17.86
CA ALA A 105 3.86 6.59 19.20
C ALA A 105 5.14 5.77 19.19
N PHE A 106 6.26 6.42 19.50
CA PHE A 106 7.55 5.74 19.60
C PHE A 106 7.65 5.05 20.96
N GLY A 107 8.86 4.65 21.33
CA GLY A 107 9.07 4.09 22.65
C GLY A 107 10.22 3.11 22.73
N GLY A 108 11.03 3.24 23.76
CA GLY A 108 12.12 2.32 24.01
C GLY A 108 13.48 2.94 23.72
N GLY A 109 14.48 2.08 23.67
CA GLY A 109 15.85 2.49 23.42
C GLY A 109 16.63 1.36 22.78
N THR A 110 17.93 1.33 23.04
CA THR A 110 18.81 0.31 22.48
C THR A 110 18.42 -1.09 22.97
N VAL B 5 13.14 14.43 -1.91
CA VAL B 5 12.91 15.73 -1.27
C VAL B 5 13.78 15.86 -0.03
N GLN B 6 14.30 17.07 0.19
CA GLN B 6 15.12 17.36 1.35
C GLN B 6 14.64 18.65 2.00
N LEU B 7 14.64 18.68 3.33
CA LEU B 7 14.21 19.84 4.09
C LEU B 7 15.17 20.09 5.24
N GLN B 8 15.38 21.36 5.57
CA GLN B 8 16.27 21.74 6.65
C GLN B 8 15.60 22.77 7.54
N GLN B 9 15.91 22.74 8.82
CA GLN B 9 15.35 23.65 9.79
C GLN B 9 16.17 24.94 9.84
N SER B 10 15.76 25.86 10.72
CA SER B 10 16.32 27.21 10.74
C SER B 10 16.87 27.57 12.12
N GLY B 11 18.10 27.15 12.39
CA GLY B 11 18.93 27.77 13.40
C GLY B 11 18.60 27.43 14.84
N PRO B 12 19.64 27.20 15.64
CA PRO B 12 19.44 27.11 17.10
C PRO B 12 18.91 28.43 17.65
N GLU B 13 18.15 28.31 18.74
CA GLU B 13 17.59 29.48 19.41
C GLU B 13 17.82 29.37 20.92
N LEU B 14 17.89 30.52 21.57
CA LEU B 14 18.09 30.61 23.02
C LEU B 14 17.07 31.59 23.58
N VAL B 15 16.19 31.11 24.44
CA VAL B 15 15.14 31.92 25.03
C VAL B 15 15.23 31.84 26.55
N LYS B 16 14.76 32.89 27.22
CA LYS B 16 14.79 32.98 28.68
C LYS B 16 13.37 33.09 29.22
N SER B 17 13.16 32.52 30.41
CA SER B 17 11.88 32.55 31.11
C SER B 17 10.74 32.03 30.23
N GLY B 18 9.53 32.55 30.46
CA GLY B 18 8.38 32.14 29.67
C GLY B 18 7.90 33.20 28.70
N THR B 19 8.19 33.00 27.42
CA THR B 19 7.76 33.92 26.37
C THR B 19 7.31 33.07 25.18
N SER B 20 7.18 33.71 24.01
CA SER B 20 6.81 33.03 22.79
C SER B 20 8.04 32.87 21.90
N VAL B 21 8.14 31.72 21.24
CA VAL B 21 9.26 31.42 20.36
C VAL B 21 8.73 31.02 18.99
N LYS B 22 9.60 31.11 17.99
CA LYS B 22 9.25 30.85 16.60
C LYS B 22 10.14 29.74 16.06
N LEU B 23 9.56 28.57 15.84
CA LEU B 23 10.23 27.45 15.21
C LEU B 23 9.65 27.22 13.83
N SER B 24 10.51 27.16 12.81
CA SER B 24 10.06 27.04 11.43
C SER B 24 10.80 25.90 10.74
N CYS B 25 10.11 25.26 9.80
CA CYS B 25 10.68 24.19 8.99
C CYS B 25 10.53 24.57 7.53
N LYS B 26 11.67 24.69 6.83
CA LYS B 26 11.66 25.06 5.42
C LYS B 26 11.67 23.78 4.58
N ALA B 27 10.58 23.54 3.86
CA ALA B 27 10.43 22.36 3.02
C ALA B 27 10.47 22.79 1.56
N SER B 28 11.33 22.12 0.78
CA SER B 28 11.48 22.43 -0.64
C SER B 28 11.57 21.14 -1.43
N GLY B 29 10.68 20.99 -2.41
CA GLY B 29 10.70 19.84 -3.30
C GLY B 29 9.51 18.92 -3.23
N TYR B 30 8.46 19.28 -2.50
CA TYR B 30 7.26 18.44 -2.45
C TYR B 30 6.05 19.33 -2.20
N SER B 31 4.87 18.78 -2.53
CA SER B 31 3.62 19.50 -2.42
C SER B 31 2.78 18.95 -1.27
N PHE B 32 1.95 19.82 -0.70
CA PHE B 32 1.09 19.48 0.43
C PHE B 32 -0.20 18.79 0.01
N THR B 33 -0.28 18.27 -1.22
CA THR B 33 -1.54 17.71 -1.72
C THR B 33 -1.98 16.51 -0.90
N ASP B 34 -1.03 15.62 -0.54
CA ASP B 34 -1.36 14.41 0.19
C ASP B 34 -0.44 14.15 1.38
N HIS B 35 0.78 14.67 1.38
CA HIS B 35 1.72 14.37 2.45
C HIS B 35 1.29 15.07 3.74
N SER B 36 1.78 14.54 4.86
CA SER B 36 1.56 15.11 6.18
C SER B 36 2.89 15.44 6.82
N LEU B 37 2.99 16.65 7.37
CA LEU B 37 4.22 17.15 7.97
C LEU B 37 4.12 17.01 9.49
N HIS B 38 4.91 16.11 10.04
CA HIS B 38 4.90 15.84 11.48
C HIS B 38 5.89 16.75 12.21
N TRP B 39 5.77 16.78 13.53
CA TRP B 39 6.58 17.64 14.38
C TRP B 39 7.09 16.87 15.60
N VAL B 40 7.68 15.69 15.34
CA VAL B 40 8.20 14.88 16.42
C VAL B 40 9.31 15.63 17.17
N LYS B 41 9.40 15.38 18.47
CA LYS B 41 10.46 15.94 19.30
C LYS B 41 11.14 14.80 20.06
N GLN B 42 12.39 15.03 20.44
CA GLN B 42 13.21 14.01 21.07
C GLN B 42 13.51 14.29 22.54
N SER B 43 13.27 15.51 23.00
CA SER B 43 13.73 15.97 24.32
C SER B 43 15.24 15.72 24.37
N HIS B 44 15.80 15.20 25.46
CA HIS B 44 17.24 15.09 25.59
C HIS B 44 17.64 13.65 25.87
N GLY B 45 18.65 13.17 25.14
CA GLY B 45 19.29 11.91 25.45
C GLY B 45 18.53 10.65 25.07
N GLU B 46 17.44 10.39 25.78
CA GLU B 46 16.71 9.13 25.64
C GLU B 46 15.25 9.40 25.34
N SER B 47 14.67 8.52 24.51
CA SER B 47 13.24 8.54 24.17
C SER B 47 12.89 9.74 23.31
N LEU B 48 11.76 9.66 22.61
CA LEU B 48 11.27 10.77 21.81
C LEU B 48 9.74 10.73 21.80
N GLU B 49 9.14 11.92 21.62
CA GLU B 49 7.71 12.08 21.78
C GLU B 49 7.10 12.74 20.55
N TRP B 50 5.82 12.50 20.34
CA TRP B 50 5.07 13.04 19.22
C TRP B 50 4.33 14.31 19.64
N ILE B 51 4.10 15.20 18.67
CA ILE B 51 3.44 16.47 18.94
C ILE B 51 2.18 16.61 18.09
N GLY B 52 2.33 16.57 16.78
CA GLY B 52 1.19 16.74 15.90
C GLY B 52 1.62 16.77 14.45
N TYR B 53 0.64 17.00 13.58
CA TYR B 53 0.89 17.05 12.15
C TYR B 53 -0.16 17.92 11.48
N PHE B 54 0.12 18.30 10.24
CA PHE B 54 -0.80 19.09 9.42
C PHE B 54 -0.97 18.39 8.08
N SER B 55 -2.17 17.88 7.82
CA SER B 55 -2.49 17.25 6.55
C SER B 55 -3.81 17.83 6.03
N PRO B 56 -3.84 18.39 4.82
CA PRO B 56 -5.10 18.95 4.32
C PRO B 56 -6.21 17.93 4.14
N ASN B 57 -5.87 16.66 3.99
CA ASN B 57 -6.86 15.62 3.72
C ASN B 57 -7.39 14.95 4.97
N ASN B 58 -6.96 15.38 6.17
CA ASN B 58 -7.45 14.81 7.41
C ASN B 58 -7.82 15.86 8.44
N GLY B 59 -7.85 17.14 8.06
CA GLY B 59 -8.21 18.20 8.97
C GLY B 59 -7.08 19.19 9.20
N GLY B 60 -5.86 18.67 9.36
CA GLY B 60 -4.71 19.53 9.54
C GLY B 60 -4.58 20.17 10.90
N THR B 61 -5.38 19.77 11.87
CA THR B 61 -5.34 20.35 13.21
C THR B 61 -5.41 19.24 14.26
N ILE B 62 -4.60 18.21 14.07
CA ILE B 62 -4.56 17.08 14.99
C ILE B 62 -3.35 17.24 15.90
N TYR B 63 -3.59 17.22 17.22
CA TYR B 63 -2.54 17.39 18.21
C TYR B 63 -2.47 16.17 19.11
N ASN B 64 -1.27 15.84 19.55
CA ASN B 64 -1.08 14.80 20.55
C ASN B 64 -1.72 15.24 21.87
N GLN B 65 -2.10 14.26 22.68
CA GLN B 65 -2.73 14.55 23.96
C GLN B 65 -1.81 15.41 24.83
N LYS B 66 -2.44 16.14 25.76
CA LYS B 66 -1.78 17.04 26.72
C LYS B 66 -0.75 17.97 26.07
N PHE B 67 -0.90 18.26 24.78
CA PHE B 67 -0.07 19.23 24.08
C PHE B 67 -0.87 20.35 23.41
N MET B 68 -2.20 20.37 23.56
CA MET B 68 -2.98 21.44 22.95
C MET B 68 -2.67 22.79 23.58
N GLY B 69 -2.31 22.82 24.86
CA GLY B 69 -2.00 24.07 25.51
C GLY B 69 -0.74 24.74 25.00
N LYS B 70 0.28 23.94 24.67
CA LYS B 70 1.60 24.45 24.34
C LYS B 70 2.01 24.15 22.90
N ALA B 71 1.04 24.14 21.98
CA ALA B 71 1.36 23.89 20.58
C ALA B 71 0.38 24.63 19.69
N THR B 72 0.86 25.03 18.52
CA THR B 72 0.02 25.68 17.51
C THR B 72 0.73 25.54 16.18
N LEU B 73 0.11 24.82 15.24
CA LEU B 73 0.72 24.52 13.95
C LEU B 73 0.03 25.32 12.86
N THR B 74 0.80 26.16 12.17
CA THR B 74 0.30 26.93 11.03
C THR B 74 1.25 26.73 9.86
N VAL B 75 0.70 26.79 8.65
CA VAL B 75 1.44 26.53 7.42
C VAL B 75 1.11 27.62 6.40
N ASP B 76 2.15 28.15 5.76
CA ASP B 76 2.00 29.09 4.66
C ASP B 76 2.19 28.33 3.36
N ARG B 77 1.12 28.24 2.55
CA ARG B 77 1.16 27.44 1.34
C ARG B 77 1.94 28.11 0.22
N SER B 78 1.98 29.44 0.17
CA SER B 78 2.67 30.13 -0.92
C SER B 78 4.17 29.88 -0.86
N SER B 79 4.78 30.02 0.31
CA SER B 79 6.21 29.84 0.47
C SER B 79 6.62 28.42 0.82
N SER B 80 5.64 27.50 0.96
CA SER B 80 5.90 26.11 1.32
C SER B 80 6.72 26.01 2.60
N THR B 81 6.39 26.86 3.57
CA THR B 81 7.08 26.91 4.85
C THR B 81 6.08 26.64 5.96
N ALA B 82 6.41 25.71 6.85
CA ALA B 82 5.57 25.34 7.98
C ALA B 82 6.29 25.72 9.27
N TYR B 83 5.64 26.51 10.11
CA TYR B 83 6.21 26.97 11.37
C TYR B 83 5.20 26.79 12.49
N MET B 84 5.69 26.39 13.66
CA MET B 84 4.87 26.09 14.82
C MET B 84 5.29 26.96 16.00
N ASP B 85 4.34 27.21 16.89
CA ASP B 85 4.51 28.16 17.98
C ASP B 85 4.51 27.47 19.34
N LEU B 86 5.15 28.12 20.31
CA LEU B 86 5.10 27.72 21.70
C LEU B 86 4.65 28.91 22.54
N HIS B 87 3.88 28.64 23.59
CA HIS B 87 3.31 29.67 24.43
C HIS B 87 4.01 29.80 25.78
N ASN B 88 4.12 28.71 26.52
CA ASN B 88 4.75 28.71 27.83
C ASN B 88 6.05 27.91 27.78
N LEU B 89 7.03 28.35 28.57
CA LEU B 89 8.38 27.77 28.54
C LEU B 89 8.84 27.53 29.98
N THR B 90 8.56 26.34 30.49
CA THR B 90 9.05 25.90 31.79
C THR B 90 10.02 24.74 31.67
N SER B 91 9.59 23.65 31.02
CA SER B 91 10.47 22.54 30.73
C SER B 91 10.38 22.09 29.28
N ALA B 92 9.46 22.63 28.50
CA ALA B 92 9.38 22.30 27.08
C ALA B 92 10.62 22.78 26.33
N ASP B 93 11.10 23.98 26.64
CA ASP B 93 12.31 24.52 26.01
C ASP B 93 13.53 23.86 26.64
N SER B 94 13.70 22.58 26.34
CA SER B 94 14.76 21.77 26.93
C SER B 94 15.82 21.36 25.91
N ALA B 95 15.42 20.70 24.82
CA ALA B 95 16.40 20.13 23.90
C ALA B 95 15.81 20.12 22.50
N VAL B 96 16.43 19.32 21.62
CA VAL B 96 16.21 19.43 20.19
C VAL B 96 14.78 19.05 19.80
N TYR B 97 14.25 19.76 18.81
CA TYR B 97 12.97 19.43 18.16
C TYR B 97 13.26 19.04 16.72
N PHE B 98 12.55 18.04 16.23
CA PHE B 98 12.73 17.54 14.86
C PHE B 98 11.54 17.92 13.99
N CYS B 99 11.75 17.78 12.68
CA CYS B 99 10.72 18.09 11.68
C CYS B 99 10.76 16.97 10.64
N SER B 100 9.61 16.34 10.41
CA SER B 100 9.55 15.15 9.57
C SER B 100 8.39 15.27 8.57
N THR B 101 8.42 14.40 7.56
CA THR B 101 7.39 14.36 6.54
C THR B 101 7.25 12.92 6.06
N GLY B 102 6.13 12.65 5.40
CA GLY B 102 5.87 11.31 4.91
C GLY B 102 4.53 11.24 4.21
N TRP B 103 4.14 10.01 3.86
CA TRP B 103 2.87 9.78 3.19
C TRP B 103 1.72 9.95 4.17
N ASP B 104 0.50 9.74 3.67
CA ASP B 104 -0.69 10.01 4.47
C ASP B 104 -0.76 9.12 5.70
N TYR B 105 -0.49 7.83 5.54
CA TYR B 105 -0.46 6.90 6.66
C TYR B 105 0.82 6.08 6.71
N GLY B 106 1.79 6.36 5.84
CA GLY B 106 2.99 5.59 5.77
C GLY B 106 4.02 6.02 6.80
N PRO B 107 5.22 5.44 6.73
CA PRO B 107 6.27 5.79 7.70
C PRO B 107 6.87 7.16 7.43
N PHE B 108 7.79 7.59 8.28
CA PHE B 108 8.42 8.89 8.15
C PHE B 108 9.61 8.75 7.20
N ASP B 109 9.50 9.38 6.02
CA ASP B 109 10.45 9.12 4.95
C ASP B 109 11.80 9.77 5.24
N SER B 110 11.84 11.09 5.31
CA SER B 110 13.09 11.84 5.41
C SER B 110 12.94 12.95 6.45
N TRP B 111 13.99 13.14 7.25
CA TRP B 111 14.00 14.18 8.26
C TRP B 111 15.13 15.16 7.99
N GLY B 112 14.99 16.36 8.54
CA GLY B 112 16.06 17.34 8.53
C GLY B 112 16.71 17.45 9.90
N GLN B 113 17.82 18.19 9.95
CA GLN B 113 18.49 18.39 11.21
C GLN B 113 17.62 19.24 12.15
N GLY B 114 17.80 19.02 13.44
CA GLY B 114 16.96 19.62 14.45
C GLY B 114 17.63 20.78 15.15
N THR B 115 16.85 21.82 15.43
CA THR B 115 17.35 22.94 16.20
C THR B 115 17.31 22.63 17.69
N THR B 116 18.33 23.08 18.41
CA THR B 116 18.47 22.83 19.83
C THR B 116 18.11 24.08 20.62
N LEU B 117 17.56 23.87 21.81
CA LEU B 117 17.15 24.96 22.67
C LEU B 117 17.94 24.97 23.98
N ALA C 2 8.69 -6.30 -22.27
CA ALA C 2 9.63 -7.38 -22.05
C ALA C 2 9.22 -8.62 -22.83
N LYS C 3 10.21 -9.39 -23.29
CA LYS C 3 9.93 -10.61 -24.03
C LYS C 3 9.35 -11.68 -23.12
N LEU C 4 8.59 -12.58 -23.72
CA LEU C 4 7.96 -13.64 -22.95
C LEU C 4 9.00 -14.58 -22.36
N GLU C 5 8.74 -15.04 -21.14
CA GLU C 5 9.64 -15.96 -20.44
C GLU C 5 8.82 -16.80 -19.48
N THR C 6 9.43 -17.86 -18.97
CA THR C 6 8.76 -18.74 -18.02
C THR C 6 8.40 -17.96 -16.76
N VAL C 7 7.14 -18.08 -16.34
CA VAL C 7 6.62 -17.38 -15.18
C VAL C 7 6.15 -18.41 -14.17
N THR C 8 6.62 -18.28 -12.93
CA THR C 8 6.23 -19.17 -11.85
C THR C 8 5.46 -18.39 -10.79
N LEU C 9 4.37 -18.99 -10.30
CA LEU C 9 3.49 -18.36 -9.32
C LEU C 9 3.51 -19.18 -8.04
N GLY C 10 3.67 -18.49 -6.91
CA GLY C 10 3.71 -19.16 -5.63
C GLY C 10 2.55 -18.81 -4.72
N LYS C 11 2.31 -19.65 -3.71
CA LYS C 11 1.24 -19.43 -2.73
C LYS C 11 -0.12 -19.33 -3.40
N ILE C 12 -0.34 -20.15 -4.41
CA ILE C 12 -1.60 -20.19 -5.14
C ILE C 12 -2.51 -21.24 -4.51
N GLY C 13 -3.79 -20.95 -4.46
CA GLY C 13 -4.79 -21.88 -3.99
C GLY C 13 -5.57 -21.36 -2.80
N LYS C 14 -6.58 -22.14 -2.42
CA LYS C 14 -7.41 -21.77 -1.27
C LYS C 14 -6.61 -21.78 0.01
N ASP C 15 -5.76 -22.79 0.20
CA ASP C 15 -4.92 -22.89 1.40
C ASP C 15 -3.55 -22.25 1.22
N GLY C 16 -3.26 -21.72 0.04
CA GLY C 16 -1.96 -21.08 -0.20
C GLY C 16 -0.79 -22.03 -0.15
N LYS C 17 -0.91 -23.22 -0.75
CA LYS C 17 0.18 -24.18 -0.79
C LYS C 17 0.49 -24.72 -2.17
N GLN C 18 -0.40 -24.55 -3.15
CA GLN C 18 -0.14 -25.03 -4.49
C GLN C 18 0.85 -24.13 -5.20
N THR C 19 1.26 -24.53 -6.41
CA THR C 19 2.21 -23.77 -7.20
C THR C 19 1.88 -23.97 -8.67
N LEU C 20 1.81 -22.88 -9.43
CA LEU C 20 1.49 -22.92 -10.84
C LEU C 20 2.66 -22.36 -11.64
N VAL C 21 3.18 -23.15 -12.56
CA VAL C 21 4.28 -22.75 -13.44
C VAL C 21 3.81 -22.88 -14.87
N LEU C 22 4.02 -21.82 -15.65
CA LEU C 22 3.53 -21.77 -17.03
C LEU C 22 4.58 -21.10 -17.91
N ASN C 23 4.62 -21.52 -19.17
CA ASN C 23 5.66 -21.15 -20.11
C ASN C 23 5.04 -20.55 -21.37
N PRO C 24 5.81 -19.74 -22.12
CA PRO C 24 5.24 -19.07 -23.29
C PRO C 24 4.80 -20.04 -24.36
N ARG C 25 3.81 -19.61 -25.15
CA ARG C 25 3.23 -20.41 -26.22
C ARG C 25 3.05 -19.56 -27.48
N GLY C 26 4.04 -18.71 -27.78
CA GLY C 26 4.04 -17.96 -29.01
C GLY C 26 3.19 -16.70 -28.97
N VAL C 27 3.22 -15.98 -30.09
CA VAL C 27 2.50 -14.73 -30.25
C VAL C 27 1.69 -14.80 -31.54
N ASN C 28 0.40 -14.48 -31.45
CA ASN C 28 -0.47 -14.49 -32.62
C ASN C 28 -0.23 -13.24 -33.45
N PRO C 29 0.17 -13.36 -34.72
CA PRO C 29 0.45 -12.16 -35.52
C PRO C 29 -0.78 -11.45 -36.02
N THR C 30 -1.96 -12.07 -35.99
CA THR C 30 -3.15 -11.44 -36.54
C THR C 30 -3.59 -10.25 -35.70
N ASN C 31 -3.65 -10.42 -34.38
CA ASN C 31 -4.11 -9.37 -33.49
C ASN C 31 -3.18 -9.14 -32.30
N GLY C 32 -2.00 -9.74 -32.29
CA GLY C 32 -0.99 -9.43 -31.30
C GLY C 32 -1.31 -9.78 -29.86
N VAL C 33 -1.83 -10.99 -29.63
CA VAL C 33 -2.05 -11.49 -28.27
C VAL C 33 -0.95 -12.48 -27.94
N ALA C 34 -0.33 -12.32 -26.78
CA ALA C 34 0.73 -13.21 -26.32
C ALA C 34 0.13 -14.22 -25.35
N SER C 35 0.27 -15.50 -25.68
CA SER C 35 -0.34 -16.56 -24.91
C SER C 35 0.64 -17.17 -23.93
N LEU C 36 0.09 -17.94 -22.99
CA LEU C 36 0.88 -18.71 -22.04
C LEU C 36 0.14 -20.01 -21.79
N SER C 37 0.88 -21.01 -21.32
CA SER C 37 0.29 -22.33 -21.15
C SER C 37 1.11 -23.12 -20.14
N GLN C 38 0.50 -24.18 -19.61
CA GLN C 38 1.12 -25.06 -18.64
C GLN C 38 1.32 -26.44 -19.25
N ALA C 39 2.50 -27.02 -19.03
CA ALA C 39 2.79 -28.32 -19.61
C ALA C 39 1.97 -29.41 -18.92
N GLY C 40 0.74 -29.62 -19.39
CA GLY C 40 -0.15 -30.62 -18.84
C GLY C 40 -0.28 -31.90 -19.64
N ALA C 41 0.59 -32.10 -20.64
CA ALA C 41 0.68 -33.31 -21.46
C ALA C 41 -0.52 -33.52 -22.37
N VAL C 42 -1.57 -32.71 -22.27
CA VAL C 42 -2.73 -32.81 -23.16
C VAL C 42 -3.15 -31.42 -23.58
N PRO C 43 -3.17 -31.12 -24.89
CA PRO C 43 -3.50 -29.75 -25.32
C PRO C 43 -4.91 -29.31 -24.96
N ALA C 44 -5.88 -30.21 -24.88
CA ALA C 44 -7.25 -29.81 -24.65
C ALA C 44 -7.50 -29.43 -23.19
N LEU C 45 -6.89 -30.14 -22.25
CA LEU C 45 -7.08 -29.86 -20.82
C LEU C 45 -5.97 -28.92 -20.36
N GLU C 46 -6.09 -27.67 -20.81
CA GLU C 46 -4.99 -26.71 -20.71
C GLU C 46 -5.45 -25.42 -20.04
N LYS C 47 -4.71 -25.00 -19.03
CA LYS C 47 -4.90 -23.69 -18.42
C LYS C 47 -4.07 -22.67 -19.17
N ARG C 48 -4.73 -21.67 -19.76
CA ARG C 48 -4.06 -20.72 -20.62
C ARG C 48 -4.37 -19.30 -20.18
N VAL C 49 -3.40 -18.40 -20.39
CA VAL C 49 -3.51 -16.99 -20.07
C VAL C 49 -3.04 -16.18 -21.27
N THR C 50 -3.80 -15.16 -21.63
CA THR C 50 -3.45 -14.29 -22.75
C THR C 50 -3.40 -12.84 -22.28
N VAL C 51 -2.40 -12.11 -22.76
CA VAL C 51 -2.22 -10.70 -22.43
C VAL C 51 -1.90 -9.94 -23.70
N SER C 52 -2.48 -8.75 -23.84
CA SER C 52 -2.23 -7.94 -25.03
C SER C 52 -2.54 -6.49 -24.70
N VAL C 53 -1.77 -5.58 -25.31
CA VAL C 53 -2.02 -4.15 -25.21
C VAL C 53 -2.22 -3.60 -26.62
N SER C 54 -2.93 -2.48 -26.69
CA SER C 54 -3.29 -1.87 -27.96
C SER C 54 -2.60 -0.53 -28.13
N GLN C 55 -2.90 0.12 -29.24
CA GLN C 55 -2.35 1.43 -29.60
C GLN C 55 -3.48 2.32 -30.09
N PRO C 56 -3.36 3.64 -29.91
CA PRO C 56 -4.42 4.55 -30.38
C PRO C 56 -4.47 4.66 -31.90
N ASN C 62 -6.38 6.38 -26.66
CA ASN C 62 -6.89 5.57 -25.55
C ASN C 62 -6.29 4.18 -25.56
N TYR C 63 -5.19 4.00 -24.82
CA TYR C 63 -4.56 2.69 -24.72
C TYR C 63 -5.47 1.72 -23.97
N LYS C 64 -5.47 0.47 -24.43
CA LYS C 64 -6.31 -0.57 -23.84
C LYS C 64 -5.45 -1.79 -23.52
N VAL C 65 -5.60 -2.31 -22.30
CA VAL C 65 -4.87 -3.49 -21.84
C VAL C 65 -5.88 -4.54 -21.44
N GLN C 66 -5.70 -5.76 -21.94
CA GLN C 66 -6.65 -6.84 -21.72
C GLN C 66 -5.91 -8.09 -21.24
N VAL C 67 -6.51 -8.76 -20.26
CA VAL C 67 -5.96 -10.01 -19.72
C VAL C 67 -7.11 -10.99 -19.55
N LYS C 68 -6.94 -12.20 -20.08
CA LYS C 68 -7.97 -13.23 -20.02
C LYS C 68 -7.39 -14.50 -19.42
N ILE C 69 -8.17 -15.15 -18.56
CA ILE C 69 -7.77 -16.37 -17.88
C ILE C 69 -8.82 -17.44 -18.16
N GLN C 70 -8.36 -18.64 -18.50
CA GLN C 70 -9.25 -19.74 -18.86
C GLN C 70 -8.83 -20.99 -18.11
N ASN C 71 -9.79 -21.65 -17.47
CA ASN C 71 -9.53 -22.85 -16.66
C ASN C 71 -10.52 -23.94 -17.01
N PRO C 72 -10.11 -25.00 -17.71
CA PRO C 72 -11.01 -26.11 -17.98
C PRO C 72 -10.92 -27.21 -16.94
N THR C 73 -12.06 -27.89 -16.74
CA THR C 73 -12.16 -28.99 -15.80
C THR C 73 -12.37 -30.29 -16.56
N ALA C 74 -11.55 -31.30 -16.26
CA ALA C 74 -11.59 -32.56 -16.96
C ALA C 74 -12.33 -33.61 -16.14
N CYS C 75 -13.22 -34.35 -16.81
CA CYS C 75 -13.93 -35.46 -16.18
C CYS C 75 -13.85 -36.67 -17.09
N THR C 76 -13.71 -37.84 -16.48
CA THR C 76 -13.63 -39.10 -17.24
C THR C 76 -15.00 -39.43 -17.79
N ALA C 77 -15.17 -39.32 -19.10
CA ALA C 77 -16.45 -39.59 -19.73
C ALA C 77 -16.83 -41.05 -19.57
N ASN C 78 -18.12 -41.31 -19.40
CA ASN C 78 -18.62 -42.67 -19.25
C ASN C 78 -18.68 -43.35 -20.61
N GLY C 79 -18.18 -44.58 -20.67
CA GLY C 79 -18.14 -45.32 -21.92
C GLY C 79 -17.22 -44.73 -22.95
N SER C 80 -16.05 -44.23 -22.54
CA SER C 80 -15.09 -43.64 -23.46
C SER C 80 -13.71 -43.72 -22.83
N CYS C 81 -12.69 -43.53 -23.65
CA CYS C 81 -11.30 -43.62 -23.20
C CYS C 81 -10.69 -42.25 -22.94
N ASP C 82 -10.69 -41.37 -23.94
CA ASP C 82 -10.11 -40.06 -23.78
C ASP C 82 -11.01 -39.17 -22.91
N PRO C 83 -10.41 -38.30 -22.11
CA PRO C 83 -11.22 -37.37 -21.30
C PRO C 83 -11.80 -36.26 -22.15
N SER C 84 -12.82 -35.61 -21.60
CA SER C 84 -13.48 -34.49 -22.26
C SER C 84 -13.73 -33.39 -21.26
N VAL C 85 -13.80 -32.16 -21.75
CA VAL C 85 -14.04 -31.00 -20.89
C VAL C 85 -15.52 -30.90 -20.58
N THR C 86 -15.85 -30.69 -19.31
CA THR C 86 -17.23 -30.56 -18.86
C THR C 86 -17.63 -29.11 -18.64
N ARG C 87 -16.89 -28.40 -17.78
CA ARG C 87 -17.20 -27.01 -17.45
C ARG C 87 -15.91 -26.19 -17.48
N GLN C 88 -16.09 -24.88 -17.68
CA GLN C 88 -14.96 -23.97 -17.84
C GLN C 88 -15.19 -22.73 -16.99
N ALA C 89 -14.12 -22.19 -16.42
CA ALA C 89 -14.16 -20.99 -15.60
C ALA C 89 -13.39 -19.89 -16.31
N TYR C 90 -14.02 -18.73 -16.45
CA TYR C 90 -13.45 -17.61 -17.20
C TYR C 90 -13.06 -16.47 -16.27
N ALA C 91 -12.33 -15.52 -16.82
CA ALA C 91 -11.97 -14.28 -16.14
C ALA C 91 -11.58 -13.26 -17.20
N ASP C 92 -11.56 -11.99 -16.79
CA ASP C 92 -11.24 -10.92 -17.72
C ASP C 92 -10.85 -9.67 -16.95
N VAL C 93 -9.86 -8.95 -17.45
CA VAL C 93 -9.43 -7.68 -16.89
C VAL C 93 -9.27 -6.69 -18.05
N THR C 94 -9.65 -5.44 -17.83
CA THR C 94 -9.56 -4.43 -18.87
C THR C 94 -9.13 -3.10 -18.25
N PHE C 95 -8.05 -2.52 -18.77
CA PHE C 95 -7.58 -1.21 -18.36
C PHE C 95 -7.71 -0.25 -19.53
N SER C 96 -8.07 1.00 -19.24
CA SER C 96 -8.41 1.97 -20.27
C SER C 96 -7.77 3.32 -19.98
N PHE C 97 -6.46 3.33 -19.72
CA PHE C 97 -5.76 4.59 -19.50
C PHE C 97 -5.81 5.47 -20.74
N THR C 98 -5.41 6.73 -20.57
CA THR C 98 -5.47 7.72 -21.63
C THR C 98 -4.06 8.12 -22.06
N GLN C 99 -4.00 9.07 -23.00
CA GLN C 99 -2.71 9.45 -23.60
C GLN C 99 -1.82 10.21 -22.60
N TYR C 100 -2.42 11.10 -21.83
CA TYR C 100 -1.64 11.96 -20.93
C TYR C 100 -1.47 11.36 -19.54
N SER C 101 -1.95 10.15 -19.30
CA SER C 101 -1.82 9.53 -17.99
C SER C 101 -0.35 9.21 -17.71
N THR C 102 0.11 9.55 -16.51
CA THR C 102 1.50 9.34 -16.13
C THR C 102 1.68 7.91 -15.63
N ASP C 103 2.89 7.61 -15.14
CA ASP C 103 3.18 6.26 -14.65
C ASP C 103 2.50 6.02 -13.30
N GLU C 104 2.49 7.05 -12.43
CA GLU C 104 1.99 6.87 -11.08
C GLU C 104 0.52 6.48 -11.06
N GLU C 105 -0.29 7.08 -11.92
CA GLU C 105 -1.72 6.75 -11.94
C GLU C 105 -1.95 5.29 -12.32
N ARG C 106 -1.26 4.82 -13.37
CA ARG C 106 -1.42 3.44 -13.80
C ARG C 106 -0.93 2.47 -12.73
N ALA C 107 0.21 2.78 -12.10
CA ALA C 107 0.72 1.92 -11.04
C ALA C 107 -0.24 1.88 -9.87
N PHE C 108 -0.82 3.03 -9.50
CA PHE C 108 -1.80 3.08 -8.43
C PHE C 108 -3.01 2.22 -8.74
N VAL C 109 -3.52 2.31 -9.97
CA VAL C 109 -4.69 1.52 -10.34
C VAL C 109 -4.37 0.03 -10.28
N ARG C 110 -3.21 -0.37 -10.81
CA ARG C 110 -2.85 -1.79 -10.82
C ARG C 110 -2.67 -2.32 -9.40
N THR C 111 -1.97 -1.56 -8.55
CA THR C 111 -1.76 -2.03 -7.17
C THR C 111 -3.05 -2.05 -6.39
N GLU C 112 -3.94 -1.08 -6.62
CA GLU C 112 -5.23 -1.09 -5.96
C GLU C 112 -6.05 -2.31 -6.36
N LEU C 113 -6.05 -2.64 -7.65
CA LEU C 113 -6.79 -3.83 -8.09
C LEU C 113 -6.17 -5.10 -7.51
N ALA C 114 -4.84 -5.17 -7.45
CA ALA C 114 -4.19 -6.36 -6.91
C ALA C 114 -4.48 -6.53 -5.42
N ALA C 115 -4.42 -5.44 -4.65
CA ALA C 115 -4.60 -5.54 -3.21
C ALA C 115 -6.06 -5.72 -2.82
N LEU C 116 -6.97 -5.07 -3.55
CA LEU C 116 -8.40 -5.17 -3.23
C LEU C 116 -8.94 -6.58 -3.45
N LEU C 117 -8.32 -7.36 -4.32
CA LEU C 117 -8.78 -8.70 -4.64
C LEU C 117 -8.50 -9.70 -3.53
N ALA C 118 -7.70 -9.35 -2.54
CA ALA C 118 -7.44 -10.21 -1.39
C ALA C 118 -8.19 -9.78 -0.14
N SER C 119 -9.04 -8.75 -0.25
CA SER C 119 -9.83 -8.30 0.88
C SER C 119 -10.92 -9.31 1.21
N PRO C 120 -11.37 -9.35 2.47
CA PRO C 120 -12.45 -10.28 2.84
C PRO C 120 -13.71 -10.10 2.03
N LEU C 121 -14.02 -8.87 1.60
CA LEU C 121 -15.23 -8.64 0.82
C LEU C 121 -15.19 -9.40 -0.50
N LEU C 122 -14.08 -9.30 -1.24
CA LEU C 122 -14.00 -9.98 -2.53
C LEU C 122 -13.93 -11.49 -2.38
N ILE C 123 -13.20 -11.98 -1.37
CA ILE C 123 -13.13 -13.42 -1.18
C ILE C 123 -14.49 -13.98 -0.77
N ASP C 124 -15.27 -13.24 0.02
CA ASP C 124 -16.63 -13.68 0.32
C ASP C 124 -17.51 -13.65 -0.91
N ALA C 125 -17.39 -12.59 -1.74
CA ALA C 125 -18.25 -12.46 -2.91
C ALA C 125 -17.91 -13.46 -4.00
N ILE C 126 -16.70 -13.98 -4.03
CA ILE C 126 -16.29 -14.91 -5.08
C ILE C 126 -16.35 -16.36 -4.61
N ASP C 127 -15.74 -16.66 -3.45
CA ASP C 127 -15.69 -18.05 -2.99
C ASP C 127 -17.08 -18.57 -2.62
N GLN C 128 -17.90 -17.73 -2.00
CA GLN C 128 -19.23 -18.14 -1.57
C GLN C 128 -20.36 -17.61 -2.45
N LEU C 129 -20.08 -16.63 -3.32
CA LEU C 129 -21.07 -16.09 -4.26
C LEU C 129 -22.30 -15.55 -3.53
N ASN C 130 -22.06 -14.72 -2.52
CA ASN C 130 -23.14 -14.06 -1.81
C ASN C 130 -23.07 -12.55 -2.02
N PRO C 131 -24.20 -11.90 -2.29
CA PRO C 131 -24.16 -10.45 -2.51
C PRO C 131 -23.70 -9.70 -1.27
N ALA C 132 -23.04 -8.57 -1.50
CA ALA C 132 -22.53 -7.73 -0.42
C ALA C 132 -23.66 -7.07 0.35
N ALA D 2 -21.99 -11.02 3.47
CA ALA D 2 -20.93 -10.07 3.80
C ALA D 2 -21.48 -8.65 3.85
N LYS D 3 -21.75 -8.17 5.06
CA LYS D 3 -22.27 -6.82 5.23
C LYS D 3 -21.20 -5.79 4.88
N LEU D 4 -21.62 -4.67 4.29
CA LEU D 4 -20.70 -3.62 3.90
C LEU D 4 -20.05 -2.98 5.13
N GLU D 5 -18.80 -2.61 4.98
CA GLU D 5 -18.05 -1.95 6.05
C GLU D 5 -16.84 -1.25 5.44
N THR D 6 -16.18 -0.45 6.26
CA THR D 6 -15.00 0.28 5.80
C THR D 6 -13.87 -0.69 5.45
N VAL D 7 -13.22 -0.42 4.32
CA VAL D 7 -12.12 -1.23 3.83
C VAL D 7 -10.87 -0.36 3.77
N THR D 8 -9.77 -0.84 4.35
CA THR D 8 -8.50 -0.12 4.36
C THR D 8 -7.45 -0.97 3.65
N LEU D 9 -7.10 -0.58 2.43
CA LEU D 9 -6.05 -1.26 1.70
C LEU D 9 -4.69 -0.68 2.07
N GLY D 10 -3.69 -1.55 2.23
CA GLY D 10 -2.37 -1.12 2.61
C GLY D 10 -1.32 -1.63 1.65
N LYS D 11 -0.16 -0.96 1.68
CA LYS D 11 0.98 -1.30 0.83
C LYS D 11 0.60 -1.25 -0.65
N ILE D 12 0.27 -0.05 -1.12
CA ILE D 12 -0.03 0.19 -2.53
C ILE D 12 0.81 1.35 -3.02
N GLY D 13 0.73 1.61 -4.31
CA GLY D 13 1.45 2.68 -4.94
C GLY D 13 2.67 2.17 -5.71
N LYS D 14 3.28 3.09 -6.45
CA LYS D 14 4.46 2.74 -7.24
C LYS D 14 5.63 2.37 -6.33
N ASP D 15 5.83 3.13 -5.26
CA ASP D 15 6.90 2.86 -4.31
C ASP D 15 6.47 1.96 -3.15
N GLY D 16 5.17 1.66 -3.04
CA GLY D 16 4.72 0.75 -2.02
C GLY D 16 4.59 1.31 -0.63
N LYS D 17 4.34 2.62 -0.50
CA LYS D 17 4.17 3.26 0.80
C LYS D 17 2.80 3.88 1.01
N GLN D 18 2.02 4.09 -0.06
CA GLN D 18 0.74 4.76 0.07
C GLN D 18 -0.33 3.80 0.62
N THR D 19 -1.53 4.33 0.80
CA THR D 19 -2.69 3.58 1.26
C THR D 19 -3.91 4.48 1.15
N LEU D 20 -5.09 3.86 1.07
CA LEU D 20 -6.34 4.61 1.03
C LEU D 20 -7.37 3.92 1.91
N VAL D 21 -8.29 4.71 2.45
CA VAL D 21 -9.42 4.22 3.22
C VAL D 21 -10.70 4.62 2.49
N LEU D 22 -11.58 3.65 2.26
CA LEU D 22 -12.82 3.88 1.54
C LEU D 22 -13.96 3.20 2.28
N ASN D 23 -15.11 3.87 2.31
CA ASN D 23 -16.26 3.48 3.12
C ASN D 23 -17.50 3.31 2.26
N PRO D 24 -18.45 2.47 2.69
CA PRO D 24 -19.60 2.16 1.84
C PRO D 24 -20.52 3.35 1.62
N ARG D 25 -21.23 3.30 0.48
CA ARG D 25 -22.17 4.34 0.11
C ARG D 25 -23.47 3.71 -0.40
N GLY D 26 -23.94 2.68 0.30
CA GLY D 26 -25.24 2.10 0.02
C GLY D 26 -25.24 1.17 -1.19
N VAL D 27 -26.42 0.68 -1.51
CA VAL D 27 -26.64 -0.25 -2.61
C VAL D 27 -27.79 0.27 -3.47
N ASN D 28 -27.63 0.19 -4.79
CA ASN D 28 -28.65 0.66 -5.71
C ASN D 28 -29.72 -0.41 -5.87
N PRO D 29 -30.98 -0.14 -5.51
CA PRO D 29 -32.01 -1.18 -5.63
C PRO D 29 -32.35 -1.57 -7.06
N THR D 30 -32.03 -0.71 -8.04
CA THR D 30 -32.43 -1.00 -9.42
C THR D 30 -31.73 -2.24 -9.96
N ASN D 31 -30.41 -2.32 -9.77
CA ASN D 31 -29.64 -3.45 -10.28
C ASN D 31 -28.84 -4.17 -9.20
N GLY D 32 -28.97 -3.79 -7.94
CA GLY D 32 -28.28 -4.47 -6.86
C GLY D 32 -26.77 -4.41 -6.93
N VAL D 33 -26.22 -3.22 -7.18
CA VAL D 33 -24.79 -3.00 -7.24
C VAL D 33 -24.34 -2.27 -6.00
N ALA D 34 -23.31 -2.79 -5.34
CA ALA D 34 -22.75 -2.11 -4.18
C ALA D 34 -21.89 -0.93 -4.63
N SER D 35 -21.44 -0.13 -3.66
CA SER D 35 -20.62 1.03 -3.97
C SER D 35 -19.74 1.35 -2.78
N LEU D 36 -18.57 1.91 -3.08
CA LEU D 36 -17.64 2.41 -2.07
C LEU D 36 -16.97 3.65 -2.63
N SER D 37 -16.48 4.50 -1.73
CA SER D 37 -15.83 5.73 -2.16
C SER D 37 -14.92 6.23 -1.05
N GLN D 38 -14.00 7.12 -1.43
CA GLN D 38 -13.06 7.73 -0.51
C GLN D 38 -13.53 9.12 -0.13
N ALA D 39 -13.43 9.46 1.16
CA ALA D 39 -13.87 10.75 1.66
C ALA D 39 -12.88 11.83 1.22
N GLY D 40 -13.12 12.39 0.04
CA GLY D 40 -12.26 13.39 -0.54
C GLY D 40 -12.73 14.82 -0.44
N ALA D 41 -13.76 15.09 0.36
CA ALA D 41 -14.33 16.41 0.64
C ALA D 41 -15.03 17.03 -0.57
N VAL D 42 -14.98 16.39 -1.74
CA VAL D 42 -15.72 16.84 -2.91
C VAL D 42 -16.31 15.62 -3.59
N PRO D 43 -17.63 15.57 -3.80
CA PRO D 43 -18.24 14.35 -4.34
C PRO D 43 -17.77 13.95 -5.73
N ALA D 44 -17.28 14.89 -6.53
CA ALA D 44 -16.94 14.60 -7.92
C ALA D 44 -15.47 14.25 -8.14
N LEU D 45 -14.63 14.35 -7.10
CA LEU D 45 -13.21 14.06 -7.27
C LEU D 45 -12.75 12.97 -6.30
N GLU D 46 -13.51 11.90 -6.17
CA GLU D 46 -13.19 10.82 -5.25
C GLU D 46 -13.18 9.49 -6.00
N LYS D 47 -12.19 8.66 -5.68
CA LYS D 47 -12.12 7.32 -6.25
C LYS D 47 -13.27 6.47 -5.73
N ARG D 48 -13.85 5.65 -6.60
CA ARG D 48 -15.00 4.84 -6.23
C ARG D 48 -14.86 3.44 -6.81
N VAL D 49 -15.48 2.48 -6.12
CA VAL D 49 -15.46 1.08 -6.52
C VAL D 49 -16.87 0.53 -6.43
N THR D 50 -17.29 -0.24 -7.43
CA THR D 50 -18.61 -0.87 -7.45
C THR D 50 -18.43 -2.36 -7.71
N VAL D 51 -19.02 -3.19 -6.85
CA VAL D 51 -18.95 -4.64 -6.97
C VAL D 51 -20.36 -5.20 -6.93
N SER D 52 -20.63 -6.17 -7.81
CA SER D 52 -21.95 -6.78 -7.88
C SER D 52 -21.83 -8.20 -8.38
N VAL D 53 -22.62 -9.10 -7.79
CA VAL D 53 -22.69 -10.50 -8.20
C VAL D 53 -24.13 -10.80 -8.61
N SER D 54 -24.29 -11.43 -9.77
CA SER D 54 -25.60 -11.66 -10.34
C SER D 54 -26.14 -13.03 -9.91
N GLN D 55 -27.28 -13.42 -10.47
CA GLN D 55 -27.93 -14.70 -10.20
C GLN D 55 -28.39 -15.29 -11.52
N PRO D 56 -28.48 -16.63 -11.61
CA PRO D 56 -28.94 -17.26 -12.85
C PRO D 56 -30.43 -17.04 -13.11
N LYS D 61 -27.45 -19.54 -17.85
CA LYS D 61 -27.74 -20.06 -16.52
C LYS D 61 -26.46 -20.24 -15.71
N ASN D 62 -25.65 -19.20 -15.65
CA ASN D 62 -24.40 -19.22 -14.90
C ASN D 62 -24.22 -17.89 -14.19
N TYR D 63 -23.48 -17.94 -13.09
CA TYR D 63 -23.28 -16.76 -12.26
C TYR D 63 -22.30 -15.81 -12.93
N LYS D 64 -22.25 -14.57 -12.41
CA LYS D 64 -21.40 -13.54 -12.99
C LYS D 64 -21.09 -12.51 -11.92
N VAL D 65 -19.80 -12.33 -11.62
CA VAL D 65 -19.33 -11.33 -10.66
C VAL D 65 -18.61 -10.24 -11.44
N GLN D 66 -18.92 -8.99 -11.12
CA GLN D 66 -18.35 -7.85 -11.83
C GLN D 66 -17.81 -6.83 -10.84
N VAL D 67 -16.62 -6.31 -11.13
CA VAL D 67 -15.97 -5.30 -10.31
C VAL D 67 -15.49 -4.17 -11.21
N LYS D 68 -15.81 -2.94 -10.84
CA LYS D 68 -15.40 -1.76 -11.61
C LYS D 68 -14.65 -0.79 -10.71
N ILE D 69 -13.56 -0.26 -11.22
CA ILE D 69 -12.73 0.72 -10.51
C ILE D 69 -12.49 1.91 -11.43
N GLN D 70 -12.75 3.11 -10.91
CA GLN D 70 -12.48 4.33 -11.67
C GLN D 70 -12.11 5.44 -10.71
N ASN D 71 -11.18 6.30 -11.13
CA ASN D 71 -10.74 7.41 -10.31
C ASN D 71 -10.33 8.59 -11.19
N PRO D 72 -10.84 9.79 -10.91
CA PRO D 72 -10.54 10.94 -11.77
C PRO D 72 -9.34 11.75 -11.27
N THR D 73 -8.85 12.60 -12.15
CA THR D 73 -7.77 13.53 -11.85
C THR D 73 -8.27 14.95 -12.04
N ALA D 74 -8.02 15.80 -11.05
CA ALA D 74 -8.53 17.16 -11.05
C ALA D 74 -7.42 18.16 -11.39
N CYS D 75 -7.80 19.20 -12.13
CA CYS D 75 -6.88 20.26 -12.49
C CYS D 75 -7.64 21.59 -12.45
N THR D 76 -7.06 22.58 -11.78
CA THR D 76 -7.69 23.89 -11.61
C THR D 76 -7.14 24.83 -12.68
N ALA D 77 -7.81 24.85 -13.82
CA ALA D 77 -7.43 25.74 -14.91
C ALA D 77 -7.68 27.20 -14.54
N ASN D 78 -6.88 28.09 -15.12
CA ASN D 78 -7.03 29.51 -14.85
C ASN D 78 -8.35 30.03 -15.44
N GLY D 79 -8.80 31.16 -14.90
CA GLY D 79 -10.07 31.72 -15.30
C GLY D 79 -11.27 31.13 -14.59
N SER D 80 -11.06 30.27 -13.60
CA SER D 80 -12.15 29.65 -12.87
C SER D 80 -11.66 29.27 -11.48
N CYS D 81 -12.61 28.98 -10.59
CA CYS D 81 -12.31 28.64 -9.21
C CYS D 81 -12.62 27.19 -8.87
N ASP D 82 -13.75 26.67 -9.35
CA ASP D 82 -14.11 25.29 -9.03
C ASP D 82 -13.31 24.31 -9.87
N PRO D 83 -12.67 23.31 -9.25
CA PRO D 83 -11.93 22.32 -10.03
C PRO D 83 -12.85 21.45 -10.85
N SER D 84 -12.33 20.95 -11.97
CA SER D 84 -13.04 20.05 -12.87
C SER D 84 -12.20 18.79 -13.09
N VAL D 85 -12.78 17.83 -13.82
CA VAL D 85 -12.12 16.57 -14.13
C VAL D 85 -11.56 16.65 -15.54
N THR D 86 -10.30 16.25 -15.70
CA THR D 86 -9.63 16.27 -17.00
C THR D 86 -9.62 14.89 -17.65
N ARG D 87 -9.08 13.89 -16.95
CA ARG D 87 -8.97 12.54 -17.45
C ARG D 87 -9.35 11.55 -16.35
N GLN D 88 -9.66 10.33 -16.77
CA GLN D 88 -10.05 9.28 -15.84
C GLN D 88 -9.38 7.97 -16.24
N ALA D 89 -9.04 7.15 -15.24
CA ALA D 89 -8.47 5.84 -15.46
C ALA D 89 -9.47 4.79 -15.02
N TYR D 90 -9.81 3.86 -15.91
CA TYR D 90 -10.84 2.87 -15.68
C TYR D 90 -10.23 1.51 -15.40
N ALA D 91 -11.10 0.59 -14.99
CA ALA D 91 -10.74 -0.81 -14.77
C ALA D 91 -12.01 -1.64 -14.83
N ASP D 92 -11.84 -2.94 -15.01
CA ASP D 92 -12.99 -3.82 -15.15
C ASP D 92 -12.54 -5.26 -14.91
N VAL D 93 -13.33 -5.99 -14.13
CA VAL D 93 -13.07 -7.40 -13.84
C VAL D 93 -14.41 -8.14 -13.87
N THR D 94 -14.42 -9.30 -14.51
CA THR D 94 -15.64 -10.10 -14.59
C THR D 94 -15.30 -11.58 -14.52
N PHE D 95 -16.15 -12.35 -13.84
CA PHE D 95 -16.00 -13.79 -13.71
C PHE D 95 -17.25 -14.47 -14.24
N SER D 96 -17.08 -15.70 -14.73
CA SER D 96 -18.17 -16.43 -15.37
C SER D 96 -18.22 -17.88 -14.90
N PHE D 97 -18.22 -18.09 -13.59
CA PHE D 97 -18.36 -19.43 -13.05
C PHE D 97 -19.72 -20.02 -13.42
N THR D 98 -19.84 -21.34 -13.20
CA THR D 98 -21.04 -22.08 -13.55
C THR D 98 -21.67 -22.68 -12.29
N GLN D 99 -22.78 -23.40 -12.49
CA GLN D 99 -23.54 -23.91 -11.36
C GLN D 99 -22.81 -25.05 -10.65
N TYR D 100 -22.14 -25.93 -11.41
CA TYR D 100 -21.51 -27.12 -10.85
C TYR D 100 -20.04 -26.89 -10.50
N SER D 101 -19.66 -25.67 -10.12
CA SER D 101 -18.28 -25.34 -9.81
C SER D 101 -18.11 -25.28 -8.30
N THR D 102 -17.21 -26.10 -7.77
CA THR D 102 -16.91 -26.07 -6.35
C THR D 102 -16.08 -24.84 -6.00
N ASP D 103 -16.03 -24.53 -4.70
CA ASP D 103 -15.32 -23.35 -4.24
C ASP D 103 -13.81 -23.45 -4.46
N GLU D 104 -13.28 -24.66 -4.60
CA GLU D 104 -11.84 -24.82 -4.82
C GLU D 104 -11.40 -24.16 -6.12
N GLU D 105 -12.16 -24.42 -7.20
CA GLU D 105 -11.80 -23.85 -8.50
C GLU D 105 -11.93 -22.33 -8.50
N ARG D 106 -12.99 -21.81 -7.87
CA ARG D 106 -13.17 -20.36 -7.81
C ARG D 106 -12.06 -19.70 -7.01
N ALA D 107 -11.69 -20.29 -5.88
CA ALA D 107 -10.58 -19.75 -5.09
C ALA D 107 -9.28 -19.82 -5.87
N PHE D 108 -9.05 -20.91 -6.61
CA PHE D 108 -7.85 -21.01 -7.41
C PHE D 108 -7.80 -19.92 -8.47
N VAL D 109 -8.93 -19.66 -9.14
CA VAL D 109 -8.96 -18.61 -10.16
C VAL D 109 -8.69 -17.25 -9.54
N ARG D 110 -9.32 -16.97 -8.40
CA ARG D 110 -9.13 -15.67 -7.76
C ARG D 110 -7.69 -15.47 -7.34
N THR D 111 -7.07 -16.49 -6.73
CA THR D 111 -5.68 -16.37 -6.30
C THR D 111 -4.74 -16.25 -7.48
N GLU D 112 -5.01 -16.99 -8.57
CA GLU D 112 -4.19 -16.86 -9.77
C GLU D 112 -4.23 -15.45 -10.33
N LEU D 113 -5.44 -14.88 -10.42
CA LEU D 113 -5.56 -13.52 -10.93
C LEU D 113 -4.90 -12.51 -10.01
N ALA D 114 -5.02 -12.70 -8.69
CA ALA D 114 -4.42 -11.77 -7.74
C ALA D 114 -2.90 -11.82 -7.81
N ALA D 115 -2.32 -13.01 -7.92
CA ALA D 115 -0.87 -13.14 -7.95
C ALA D 115 -0.28 -12.88 -9.33
N LEU D 116 -1.10 -12.87 -10.38
CA LEU D 116 -0.60 -12.56 -11.71
C LEU D 116 -0.44 -11.08 -11.94
N LEU D 117 -0.99 -10.24 -11.08
CA LEU D 117 -0.89 -8.78 -11.20
C LEU D 117 0.35 -8.21 -10.53
N ALA D 118 1.18 -9.05 -9.92
CA ALA D 118 2.42 -8.61 -9.30
C ALA D 118 3.66 -9.17 -9.98
N SER D 119 3.52 -10.08 -10.93
CA SER D 119 4.65 -10.62 -11.66
C SER D 119 5.27 -9.53 -12.54
N PRO D 120 6.56 -9.66 -12.88
CA PRO D 120 7.21 -8.62 -13.69
C PRO D 120 6.54 -8.38 -15.03
N LEU D 121 5.92 -9.41 -15.62
CA LEU D 121 5.29 -9.27 -16.93
C LEU D 121 4.18 -8.21 -16.88
N LEU D 122 3.27 -8.33 -15.92
CA LEU D 122 2.15 -7.38 -15.86
C LEU D 122 2.61 -6.01 -15.40
N ILE D 123 3.50 -5.94 -14.41
CA ILE D 123 3.96 -4.65 -13.93
C ILE D 123 4.80 -3.93 -14.97
N ASP D 124 5.30 -4.65 -15.98
CA ASP D 124 6.00 -4.01 -17.08
C ASP D 124 5.04 -3.64 -18.20
N ALA D 125 4.04 -4.49 -18.47
CA ALA D 125 3.10 -4.23 -19.55
C ALA D 125 2.08 -3.16 -19.20
N ILE D 126 1.87 -2.85 -17.92
CA ILE D 126 0.90 -1.84 -17.52
C ILE D 126 1.57 -0.50 -17.21
N ASP D 127 2.63 -0.53 -16.41
CA ASP D 127 3.28 0.73 -16.02
C ASP D 127 3.92 1.42 -17.22
N GLN D 128 4.55 0.65 -18.11
CA GLN D 128 5.24 1.23 -19.26
C GLN D 128 4.46 1.08 -20.56
N LEU D 129 3.36 0.33 -20.56
CA LEU D 129 2.49 0.16 -21.73
C LEU D 129 3.26 -0.38 -22.93
N ASN D 130 4.18 -1.32 -22.68
CA ASN D 130 4.91 -1.95 -23.77
C ASN D 130 4.38 -3.35 -24.04
N PRO D 131 4.04 -3.67 -25.28
CA PRO D 131 3.51 -5.01 -25.57
C PRO D 131 4.54 -6.09 -25.31
N ALA D 132 4.05 -7.25 -24.86
CA ALA D 132 4.92 -8.41 -24.67
C ALA D 132 5.18 -9.09 -26.00
N TYR D 133 6.40 -9.58 -26.17
CA TYR D 133 6.78 -10.25 -27.41
C TYR D 133 7.65 -11.46 -27.13
#